data_6H5Q
#
_entry.id   6H5Q
#
_cell.length_a   1.00
_cell.length_b   1.00
_cell.length_c   1.00
_cell.angle_alpha   90.00
_cell.angle_beta   90.00
_cell.angle_gamma   90.00
#
_symmetry.space_group_name_H-M   'P 1'
#
loop_
_entity.id
_entity.type
_entity.pdbx_description
1 polymer Nucleocapsid
2 polymer "RNA (5'-R(*AP*AP*AP*AP*AP*A)-3')"
#
loop_
_entity_poly.entity_id
_entity_poly.type
_entity_poly.pdbx_seq_one_letter_code
_entity_poly.pdbx_strand_id
1 'polypeptide(L)'
;MATLLRSLALFKRNKDKPPITSGSGGAIRGIKHIIIVPIPGDSSITTRSRLLDRLVRLIGNPDVSGPKLTGALIGILSLF
VESPGQLIQRITDDPDVSIRLLEVVQSDQSQSGLTFASRGTNMEDEADQYFSHDDPISSDQSRFGWFENKEISDIEVQDP
EGFNMILGTILAQIWVLLAKAVTAPDTAADSELRRWIKYTQQRRVVGEFRLERKWLDVVRNRIAEDLSLRRFMVALILDI
KRTPGNKPRIAEMICDIDTYIVEAGLASFILTIKFGIETMYPALGLHEFAGELSTLESLMNLYQQMGETAPYMVILENSI
QNKFSAGSYPLLWSYAMGVGVELENSMGGLNFGRSYFDPAYFRLGQEMVRRSAGKVSSTLASELGITAEDARLVSEIAMH
TTEDKVEHHHHHHHH
;
B
2 'polyribonucleotide' AAAAAA R
#
loop_
_chem_comp.id
_chem_comp.type
_chem_comp.name
_chem_comp.formula
A RNA linking ADENOSINE-5'-MONOPHOSPHATE 'C10 H14 N5 O7 P'
#
# COMPACT_ATOMS: atom_id res chain seq x y z
N ALA A 2 3.67 -13.19 42.60
CA ALA A 2 5.05 -13.42 42.18
C ALA A 2 5.08 -14.47 41.07
N THR A 3 4.46 -15.62 41.33
CA THR A 3 4.27 -16.60 40.28
C THR A 3 2.98 -16.33 39.50
N LEU A 4 2.19 -15.37 39.96
CA LEU A 4 1.03 -14.94 39.21
C LEU A 4 1.43 -14.16 37.97
N LEU A 5 2.47 -13.32 38.10
CA LEU A 5 2.83 -12.43 37.01
C LEU A 5 3.54 -13.17 35.89
N ARG A 6 4.23 -14.25 36.22
CA ARG A 6 4.83 -15.06 35.17
C ARG A 6 3.76 -15.88 34.46
N SER A 7 2.74 -16.31 35.17
CA SER A 7 1.63 -17.00 34.53
C SER A 7 0.80 -16.03 33.72
N LEU A 8 0.77 -14.77 34.13
CA LEU A 8 0.01 -13.75 33.39
C LEU A 8 0.70 -13.39 32.08
N ALA A 9 2.03 -13.37 32.08
CA ALA A 9 2.75 -12.94 30.90
C ALA A 9 2.71 -14.00 29.80
N LEU A 10 2.70 -15.27 30.18
CA LEU A 10 2.54 -16.33 29.19
C LEU A 10 1.11 -16.45 28.73
N PHE A 11 0.16 -16.06 29.58
CA PHE A 11 -1.25 -16.08 29.19
C PHE A 11 -1.56 -15.02 28.15
N LYS A 12 -0.87 -13.89 28.21
CA LYS A 12 -1.24 -12.82 27.29
C LYS A 12 -0.55 -12.99 25.94
N ARG A 13 0.59 -13.68 25.91
CA ARG A 13 1.32 -13.72 24.66
C ARG A 13 0.79 -14.83 23.75
N ASN A 14 0.20 -15.89 24.31
CA ASN A 14 -0.38 -16.89 23.42
C ASN A 14 -1.80 -16.47 23.00
N LYS A 15 -2.41 -15.57 23.75
CA LYS A 15 -3.69 -15.00 23.33
C LYS A 15 -3.53 -14.17 22.07
N ASP A 16 -2.40 -13.48 21.94
CA ASP A 16 -2.16 -12.72 20.72
C ASP A 16 -1.49 -13.59 19.65
N LYS A 17 -0.87 -14.70 20.06
CA LYS A 17 -0.05 -15.50 19.16
C LYS A 17 -0.89 -16.11 18.04
N PRO A 18 -0.45 -16.00 16.78
CA PRO A 18 -1.24 -16.56 15.69
C PRO A 18 -1.24 -18.08 15.76
N PRO A 19 -2.32 -18.73 15.33
CA PRO A 19 -2.36 -20.18 15.38
C PRO A 19 -1.40 -20.76 14.34
N ILE A 20 -0.61 -21.75 14.78
CA ILE A 20 0.45 -22.24 13.92
C ILE A 20 -0.16 -23.03 12.78
N THR A 21 0.15 -22.61 11.57
CA THR A 21 -0.57 -23.03 10.38
C THR A 21 0.04 -24.32 9.84
N SER A 22 -0.39 -25.42 10.44
CA SER A 22 0.04 -26.74 9.99
C SER A 22 -0.51 -27.04 8.61
N GLY A 23 -1.75 -26.66 8.36
CA GLY A 23 -2.38 -26.89 7.09
C GLY A 23 -3.50 -27.91 7.17
N SER A 24 -4.52 -27.67 6.37
CA SER A 24 -5.50 -28.69 6.02
C SER A 24 -5.12 -29.16 4.63
N GLY A 25 -4.93 -30.46 4.47
CA GLY A 25 -4.22 -30.98 3.32
C GLY A 25 -4.95 -30.89 2.00
N GLY A 26 -5.25 -29.68 1.56
CA GLY A 26 -6.05 -29.46 0.38
C GLY A 26 -7.54 -29.46 0.64
N ALA A 27 -7.97 -29.27 1.87
CA ALA A 27 -9.39 -29.35 2.18
C ALA A 27 -10.14 -28.11 1.71
N ILE A 28 -9.52 -26.94 1.89
CA ILE A 28 -10.18 -25.66 1.71
C ILE A 28 -9.52 -24.98 0.52
N ARG A 29 -10.09 -25.18 -0.66
CA ARG A 29 -9.55 -24.64 -1.89
C ARG A 29 -10.66 -23.86 -2.58
N GLY A 30 -10.36 -22.63 -2.97
CA GLY A 30 -11.34 -21.76 -3.59
C GLY A 30 -11.61 -22.23 -5.00
N ILE A 31 -12.81 -21.97 -5.49
CA ILE A 31 -13.08 -22.19 -6.90
C ILE A 31 -12.40 -21.09 -7.69
N LYS A 32 -11.61 -21.50 -8.68
CA LYS A 32 -10.73 -20.60 -9.40
C LYS A 32 -11.44 -20.09 -10.64
N HIS A 33 -11.42 -18.78 -10.84
CA HIS A 33 -11.88 -18.18 -12.08
C HIS A 33 -10.66 -17.73 -12.88
N ILE A 34 -10.69 -17.97 -14.19
CA ILE A 34 -9.56 -17.60 -15.03
C ILE A 34 -9.56 -16.09 -15.22
N ILE A 35 -8.36 -15.52 -15.28
CA ILE A 35 -8.19 -14.10 -15.50
C ILE A 35 -7.31 -13.91 -16.73
N ILE A 36 -7.84 -13.24 -17.74
CA ILE A 36 -7.20 -13.08 -19.04
C ILE A 36 -6.11 -12.03 -18.89
N VAL A 37 -4.84 -12.43 -18.92
CA VAL A 37 -3.73 -11.51 -18.75
C VAL A 37 -2.99 -11.40 -20.08
N PRO A 38 -3.10 -10.31 -20.80
CA PRO A 38 -2.34 -10.17 -22.04
C PRO A 38 -0.90 -9.77 -21.79
N ILE A 39 0.02 -10.65 -22.18
CA ILE A 39 1.45 -10.43 -22.02
C ILE A 39 2.07 -10.33 -23.41
N PRO A 40 3.01 -9.39 -23.59
CA PRO A 40 3.60 -9.26 -24.93
C PRO A 40 4.30 -10.53 -25.38
N GLY A 41 4.05 -10.91 -26.63
CA GLY A 41 4.64 -12.09 -27.22
C GLY A 41 6.14 -12.06 -27.38
N ASP A 42 6.67 -10.89 -27.72
CA ASP A 42 8.11 -10.74 -27.95
C ASP A 42 8.77 -9.64 -27.14
N SER A 43 10.08 -9.79 -26.98
CA SER A 43 10.94 -8.86 -26.25
C SER A 43 11.06 -7.45 -26.86
N SER A 44 10.83 -7.34 -28.17
CA SER A 44 10.96 -6.07 -28.86
C SER A 44 10.05 -4.99 -28.28
N ILE A 45 10.59 -3.77 -28.25
CA ILE A 45 9.94 -2.58 -27.71
C ILE A 45 8.64 -2.19 -28.40
N THR A 46 8.57 -2.38 -29.71
CA THR A 46 7.39 -1.99 -30.46
C THR A 46 6.14 -2.72 -29.96
N THR A 47 6.26 -4.00 -29.63
CA THR A 47 5.11 -4.73 -29.11
C THR A 47 4.72 -4.27 -27.72
N ARG A 48 5.71 -4.05 -26.85
CA ARG A 48 5.45 -3.60 -25.49
C ARG A 48 4.71 -2.27 -25.52
N SER A 49 5.18 -1.39 -26.40
CA SER A 49 4.60 -0.06 -26.53
C SER A 49 3.17 -0.07 -27.05
N ARG A 50 2.87 -0.95 -28.01
CA ARG A 50 1.53 -0.95 -28.56
C ARG A 50 0.57 -1.62 -27.60
N LEU A 51 1.04 -2.62 -26.88
CA LEU A 51 0.20 -3.28 -25.87
C LEU A 51 -0.09 -2.35 -24.71
N LEU A 52 0.90 -1.54 -24.31
CA LEU A 52 0.67 -0.52 -23.29
C LEU A 52 -0.31 0.53 -23.77
N ASP A 53 -0.28 0.84 -25.06
CA ASP A 53 -1.24 1.78 -25.64
C ASP A 53 -2.65 1.22 -25.59
N ARG A 54 -2.81 -0.07 -25.90
CA ARG A 54 -4.15 -0.63 -25.99
C ARG A 54 -4.70 -0.97 -24.62
N LEU A 55 -3.83 -1.29 -23.67
CA LEU A 55 -4.30 -1.64 -22.33
C LEU A 55 -4.68 -0.40 -21.53
N VAL A 56 -4.06 0.73 -21.82
CA VAL A 56 -4.41 1.96 -21.10
C VAL A 56 -5.81 2.44 -21.49
N ARG A 57 -6.15 2.35 -22.78
CA ARG A 57 -7.48 2.77 -23.18
C ARG A 57 -8.51 1.66 -22.98
N LEU A 58 -8.01 0.45 -22.75
CA LEU A 58 -8.88 -0.69 -22.48
C LEU A 58 -9.57 -0.49 -21.13
N ILE A 59 -8.78 -0.02 -20.16
CA ILE A 59 -9.24 0.22 -18.80
C ILE A 59 -10.29 1.32 -18.64
N GLY A 60 -10.13 2.40 -19.39
CA GLY A 60 -11.02 3.55 -19.30
C GLY A 60 -12.49 3.31 -19.63
N ASN A 61 -12.76 2.52 -20.66
CA ASN A 61 -14.14 2.27 -21.05
C ASN A 61 -14.97 1.53 -20.00
N PRO A 62 -16.25 1.92 -19.88
CA PRO A 62 -17.29 1.41 -18.98
C PRO A 62 -17.64 -0.04 -19.28
N ASP A 63 -17.52 -0.42 -20.54
CA ASP A 63 -17.86 -1.76 -21.02
C ASP A 63 -17.07 -2.89 -20.35
N VAL A 64 -15.79 -2.65 -20.05
CA VAL A 64 -14.98 -3.71 -19.44
C VAL A 64 -15.60 -4.20 -18.13
N SER A 65 -15.57 -5.52 -17.96
CA SER A 65 -16.15 -6.19 -16.81
C SER A 65 -15.18 -6.17 -15.64
N GLY A 66 -15.40 -7.10 -14.69
CA GLY A 66 -14.55 -7.24 -13.54
C GLY A 66 -13.18 -7.82 -13.81
N PRO A 67 -13.06 -9.12 -14.07
CA PRO A 67 -11.73 -9.71 -14.26
C PRO A 67 -11.06 -9.33 -15.56
N LYS A 68 -11.81 -8.78 -16.51
CA LYS A 68 -11.20 -8.19 -17.68
C LYS A 68 -10.42 -6.94 -17.30
N LEU A 69 -10.91 -6.21 -16.31
CA LEU A 69 -10.17 -5.07 -15.79
C LEU A 69 -9.04 -5.51 -14.90
N THR A 70 -9.19 -6.65 -14.23
CA THR A 70 -8.14 -7.17 -13.38
C THR A 70 -6.95 -7.66 -14.20
N GLY A 71 -7.21 -8.39 -15.27
CA GLY A 71 -6.12 -8.88 -16.10
C GLY A 71 -5.46 -7.80 -16.92
N ALA A 72 -6.20 -6.77 -17.29
CA ALA A 72 -5.58 -5.65 -17.98
C ALA A 72 -4.67 -4.87 -17.05
N LEU A 73 -5.01 -4.79 -15.77
CA LEU A 73 -4.13 -4.14 -14.82
C LEU A 73 -2.89 -4.99 -14.54
N ILE A 74 -3.05 -6.29 -14.34
CA ILE A 74 -1.91 -7.19 -14.21
C ILE A 74 -1.11 -7.23 -15.50
N GLY A 75 -1.78 -7.00 -16.63
CA GLY A 75 -1.09 -6.92 -17.90
C GLY A 75 -0.10 -5.77 -18.00
N ILE A 76 -0.38 -4.63 -17.36
CA ILE A 76 0.55 -3.51 -17.39
C ILE A 76 1.37 -3.37 -16.12
N LEU A 77 0.99 -4.02 -15.02
CA LEU A 77 1.85 -3.99 -13.85
C LEU A 77 3.05 -4.91 -13.97
N SER A 78 3.19 -5.64 -15.07
CA SER A 78 4.32 -6.51 -15.31
C SER A 78 4.95 -6.30 -16.68
N LEU A 79 4.68 -5.18 -17.35
CA LEU A 79 5.35 -4.92 -18.61
C LEU A 79 6.79 -4.48 -18.45
N PHE A 80 7.24 -4.17 -17.24
CA PHE A 80 8.57 -3.61 -17.10
C PHE A 80 9.67 -4.66 -17.12
N VAL A 81 9.31 -5.93 -16.98
CA VAL A 81 10.30 -6.99 -16.98
C VAL A 81 10.43 -7.60 -18.37
N GLU A 82 11.60 -8.15 -18.65
CA GLU A 82 11.74 -9.08 -19.75
C GLU A 82 11.16 -10.42 -19.33
N SER A 83 10.47 -11.08 -20.26
CA SER A 83 9.61 -12.22 -20.00
C SER A 83 8.58 -11.91 -18.90
N PRO A 84 7.52 -11.17 -19.21
CA PRO A 84 6.48 -10.91 -18.19
C PRO A 84 5.71 -12.15 -17.79
N GLY A 85 5.74 -13.20 -18.61
CA GLY A 85 5.04 -14.41 -18.27
C GLY A 85 5.64 -15.14 -17.08
N GLN A 86 6.96 -15.05 -16.93
CA GLN A 86 7.59 -15.73 -15.81
C GLN A 86 7.43 -14.93 -14.52
N LEU A 87 7.16 -13.63 -14.64
CA LEU A 87 6.93 -12.83 -13.45
C LEU A 87 5.60 -13.17 -12.82
N ILE A 88 4.56 -13.41 -13.63
CA ILE A 88 3.22 -13.60 -13.09
C ILE A 88 3.14 -14.92 -12.32
N GLN A 89 3.64 -16.00 -12.91
CA GLN A 89 3.60 -17.31 -12.24
C GLN A 89 4.48 -17.37 -11.01
N ARG A 90 5.50 -16.51 -10.94
CA ARG A 90 6.32 -16.43 -9.74
C ARG A 90 5.56 -15.84 -8.58
N ILE A 91 4.64 -14.91 -8.85
CA ILE A 91 4.00 -14.11 -7.81
C ILE A 91 2.69 -14.75 -7.34
N THR A 92 1.89 -15.29 -8.27
CA THR A 92 0.52 -15.72 -7.92
C THR A 92 0.55 -16.97 -7.06
N ASP A 93 0.59 -16.74 -5.76
CA ASP A 93 0.33 -17.77 -4.77
C ASP A 93 -1.12 -17.77 -4.32
N ASP A 94 -2.02 -17.21 -5.12
CA ASP A 94 -3.39 -17.01 -4.70
C ASP A 94 -4.19 -18.29 -4.92
N PRO A 95 -5.04 -18.68 -3.99
CA PRO A 95 -5.90 -19.84 -4.21
C PRO A 95 -7.13 -19.51 -5.05
N ASP A 96 -7.58 -18.27 -5.02
CA ASP A 96 -8.84 -17.92 -5.65
C ASP A 96 -8.69 -17.69 -7.16
N VAL A 97 -7.47 -17.56 -7.66
CA VAL A 97 -7.24 -17.09 -9.02
C VAL A 97 -6.26 -17.99 -9.74
N SER A 98 -6.67 -18.49 -10.90
CA SER A 98 -5.80 -19.15 -11.87
C SER A 98 -5.55 -18.17 -13.01
N ILE A 99 -4.30 -17.73 -13.15
CA ILE A 99 -3.92 -16.85 -14.24
C ILE A 99 -3.66 -17.70 -15.48
N ARG A 100 -4.50 -17.55 -16.49
CA ARG A 100 -4.17 -18.01 -17.83
C ARG A 100 -3.74 -16.75 -18.56
N LEU A 101 -2.61 -16.80 -19.22
CA LEU A 101 -2.02 -15.61 -19.79
C LEU A 101 -1.67 -15.86 -21.25
N LEU A 102 -2.22 -15.02 -22.12
CA LEU A 102 -2.11 -15.21 -23.55
C LEU A 102 -1.13 -14.20 -24.14
N GLU A 103 -0.23 -14.70 -24.98
CA GLU A 103 0.77 -13.84 -25.58
C GLU A 103 0.16 -13.00 -26.68
N VAL A 104 0.68 -11.80 -26.83
CA VAL A 104 0.14 -10.80 -27.74
C VAL A 104 1.26 -10.35 -28.65
N VAL A 105 1.09 -10.56 -29.95
CA VAL A 105 2.06 -10.17 -30.96
C VAL A 105 1.43 -9.11 -31.85
N GLN A 106 2.26 -8.23 -32.39
CA GLN A 106 1.73 -7.16 -33.24
C GLN A 106 1.35 -7.71 -34.60
N SER A 107 0.53 -6.96 -35.33
CA SER A 107 0.02 -7.42 -36.61
C SER A 107 -0.15 -6.25 -37.58
N ASP A 108 -0.23 -6.58 -38.86
CA ASP A 108 -0.47 -5.57 -39.88
C ASP A 108 -1.94 -5.47 -40.23
N GLN A 109 -2.68 -6.59 -40.13
CA GLN A 109 -4.03 -6.65 -40.67
C GLN A 109 -5.08 -6.28 -39.64
N SER A 110 -4.73 -6.33 -38.36
CA SER A 110 -5.74 -6.15 -37.33
C SER A 110 -6.14 -4.69 -37.18
N GLN A 111 -7.35 -4.46 -36.69
CA GLN A 111 -7.83 -3.09 -36.47
C GLN A 111 -7.12 -2.44 -35.29
N SER A 112 -6.96 -3.18 -34.19
CA SER A 112 -6.22 -2.66 -33.05
C SER A 112 -4.73 -2.64 -33.34
N GLY A 113 -4.24 -3.65 -34.07
CA GLY A 113 -2.84 -3.79 -34.31
C GLY A 113 -2.17 -4.90 -33.54
N LEU A 114 -2.94 -5.70 -32.81
CA LEU A 114 -2.40 -6.79 -32.01
C LEU A 114 -3.21 -8.05 -32.29
N THR A 115 -2.53 -9.19 -32.34
CA THR A 115 -3.19 -10.48 -32.43
C THR A 115 -2.65 -11.40 -31.34
N PHE A 116 -3.35 -12.51 -31.14
CA PHE A 116 -3.00 -13.44 -30.07
C PHE A 116 -2.20 -14.59 -30.65
N ALA A 117 -1.07 -14.89 -30.02
CA ALA A 117 -0.25 -16.02 -30.42
C ALA A 117 -0.49 -17.18 -29.46
N MET A 123 -7.00 -15.65 -35.00
CA MET A 123 -6.89 -14.97 -33.71
C MET A 123 -6.86 -13.47 -33.88
N GLU A 124 -7.36 -12.98 -35.02
CA GLU A 124 -7.26 -11.55 -35.31
C GLU A 124 -8.53 -10.81 -34.93
N ASP A 125 -9.65 -11.51 -34.86
CA ASP A 125 -10.91 -10.85 -34.49
C ASP A 125 -11.23 -11.07 -33.01
N GLU A 126 -10.72 -12.16 -32.44
CA GLU A 126 -10.85 -12.35 -31.00
C GLU A 126 -9.97 -11.36 -30.23
N ALA A 127 -8.89 -10.92 -30.87
CA ALA A 127 -7.98 -9.97 -30.23
C ALA A 127 -8.60 -8.58 -30.13
N ASP A 128 -9.17 -8.08 -31.22
CA ASP A 128 -9.79 -6.76 -31.16
C ASP A 128 -11.11 -6.81 -30.38
N GLN A 129 -11.71 -7.99 -30.28
CA GLN A 129 -12.87 -8.13 -29.41
C GLN A 129 -12.45 -8.03 -27.95
N TYR A 130 -11.18 -8.34 -27.65
CA TYR A 130 -10.66 -8.10 -26.32
C TYR A 130 -10.34 -6.62 -26.12
N PHE A 131 -9.55 -6.02 -27.01
CA PHE A 131 -9.11 -4.66 -26.78
C PHE A 131 -10.16 -3.62 -27.08
N SER A 132 -11.22 -3.96 -27.80
CA SER A 132 -12.30 -3.00 -28.08
C SER A 132 -13.61 -3.73 -28.33
N GLN A 141 -17.75 9.46 -26.02
CA GLN A 141 -16.31 9.70 -25.99
C GLN A 141 -15.90 10.43 -24.72
N SER A 142 -16.88 11.03 -24.06
CA SER A 142 -16.60 11.74 -22.82
C SER A 142 -16.33 10.77 -21.68
N ARG A 143 -16.92 9.58 -21.75
CA ARG A 143 -16.78 8.63 -20.65
C ARG A 143 -15.50 7.81 -20.77
N PHE A 144 -14.84 7.87 -21.92
CA PHE A 144 -13.56 7.17 -22.03
C PHE A 144 -12.47 7.93 -21.29
N GLY A 145 -11.71 7.22 -20.48
CA GLY A 145 -10.63 7.80 -19.70
C GLY A 145 -9.33 7.71 -20.48
N TRP A 146 -8.51 8.75 -20.33
CA TRP A 146 -7.31 8.93 -21.13
C TRP A 146 -6.43 9.93 -20.40
N PHE A 147 -5.37 10.40 -21.05
CA PHE A 147 -4.51 11.42 -20.46
C PHE A 147 -5.25 12.75 -20.43
N GLU A 148 -4.97 13.55 -19.40
CA GLU A 148 -5.79 14.73 -19.15
C GLU A 148 -5.54 15.85 -20.14
N ASN A 149 -4.40 15.84 -20.82
CA ASN A 149 -4.20 16.70 -21.99
C ASN A 149 -4.50 15.92 -23.26
N LYS A 150 -5.60 16.24 -23.92
CA LYS A 150 -6.07 15.44 -25.05
C LYS A 150 -5.32 15.68 -26.34
N GLU A 151 -4.22 16.45 -26.31
CA GLU A 151 -3.33 16.55 -27.45
C GLU A 151 -2.59 15.25 -27.70
N ILE A 152 -2.55 14.35 -26.72
CA ILE A 152 -1.85 13.08 -26.92
C ILE A 152 -2.86 11.97 -27.19
N SER A 153 -2.81 11.41 -28.40
CA SER A 153 -3.72 10.33 -28.78
C SER A 153 -3.09 8.95 -28.68
N ASP A 154 -1.86 8.83 -29.20
CA ASP A 154 -1.16 7.55 -29.18
C ASP A 154 0.21 7.66 -28.53
N ILE A 155 0.50 6.76 -27.58
CA ILE A 155 1.77 6.77 -26.89
C ILE A 155 2.77 5.78 -27.48
N GLU A 156 2.38 5.09 -28.55
CA GLU A 156 3.28 4.12 -29.17
C GLU A 156 4.59 4.78 -29.54
N VAL A 157 5.70 4.28 -28.99
CA VAL A 157 7.02 4.82 -29.25
C VAL A 157 7.92 3.68 -29.71
N GLN A 158 9.13 4.02 -30.16
CA GLN A 158 10.03 3.01 -30.71
C GLN A 158 11.30 2.81 -29.90
N ASP A 159 11.94 3.89 -29.44
CA ASP A 159 13.15 3.72 -28.66
C ASP A 159 12.81 3.21 -27.25
N PRO A 160 13.61 2.30 -26.70
CA PRO A 160 13.18 1.59 -25.50
C PRO A 160 13.24 2.43 -24.24
N GLU A 161 14.12 3.43 -24.20
CA GLU A 161 14.11 4.34 -23.07
C GLU A 161 12.95 5.33 -23.18
N GLY A 162 12.43 5.54 -24.39
CA GLY A 162 11.20 6.29 -24.52
C GLY A 162 10.00 5.45 -24.15
N PHE A 163 10.15 4.14 -24.24
CA PHE A 163 9.13 3.27 -23.66
C PHE A 163 9.30 3.14 -22.16
N ASN A 164 10.54 3.11 -21.68
CA ASN A 164 10.76 2.86 -20.27
C ASN A 164 10.38 4.08 -19.44
N MET A 165 10.39 5.27 -20.05
CA MET A 165 9.89 6.45 -19.37
C MET A 165 8.39 6.59 -19.48
N ILE A 166 7.79 6.14 -20.58
CA ILE A 166 6.35 6.20 -20.71
C ILE A 166 5.68 5.06 -19.97
N LEU A 167 6.44 4.03 -19.59
CA LEU A 167 5.87 2.96 -18.79
C LEU A 167 5.87 3.32 -17.31
N GLY A 168 6.96 3.93 -16.83
CA GLY A 168 7.00 4.36 -15.46
C GLY A 168 6.06 5.51 -15.17
N THR A 169 5.76 6.31 -16.19
CA THR A 169 4.76 7.37 -16.03
C THR A 169 3.37 6.78 -15.81
N ILE A 170 3.10 5.60 -16.37
CA ILE A 170 1.82 4.95 -16.14
C ILE A 170 1.83 4.20 -14.81
N LEU A 171 2.91 3.49 -14.50
CA LEU A 171 2.93 2.68 -13.28
C LEU A 171 3.07 3.53 -12.04
N ALA A 172 3.71 4.70 -12.11
CA ALA A 172 3.77 5.54 -10.92
C ALA A 172 2.45 6.24 -10.64
N GLN A 173 1.44 6.07 -11.48
CA GLN A 173 0.11 6.58 -11.19
C GLN A 173 -0.83 5.47 -10.77
N ILE A 174 -0.38 4.22 -10.80
CA ILE A 174 -1.17 3.08 -10.38
C ILE A 174 -0.67 2.53 -9.05
N TRP A 175 0.64 2.52 -8.84
CA TRP A 175 1.17 2.05 -7.58
C TRP A 175 0.89 3.04 -6.45
N VAL A 176 0.74 4.33 -6.77
CA VAL A 176 0.40 5.29 -5.73
C VAL A 176 -1.05 5.15 -5.30
N LEU A 177 -1.88 4.50 -6.11
CA LEU A 177 -3.25 4.25 -5.72
C LEU A 177 -3.36 3.24 -4.61
N LEU A 178 -2.43 2.27 -4.56
CA LEU A 178 -2.49 1.20 -3.58
C LEU A 178 -2.27 1.70 -2.15
N ALA A 179 -1.59 2.84 -2.01
CA ALA A 179 -1.35 3.42 -0.70
C ALA A 179 -2.64 3.82 -0.02
N LYS A 180 -3.61 4.30 -0.79
CA LYS A 180 -4.81 4.92 -0.25
C LYS A 180 -6.03 4.39 -1.02
N ALA A 181 -6.06 3.09 -1.27
CA ALA A 181 -7.18 2.48 -1.97
C ALA A 181 -8.16 1.81 -1.02
N VAL A 182 -7.66 1.19 0.04
CA VAL A 182 -8.54 0.51 0.96
C VAL A 182 -8.86 1.41 2.15
N THR A 183 -8.01 2.40 2.41
CA THR A 183 -8.24 3.29 3.54
C THR A 183 -9.00 4.59 3.26
N ALA A 184 -8.57 5.33 2.25
CA ALA A 184 -9.22 6.60 1.91
C ALA A 184 -9.43 6.81 0.42
N PRO A 185 -10.35 6.06 -0.20
CA PRO A 185 -10.54 6.28 -1.64
C PRO A 185 -11.05 7.68 -1.96
N ASP A 186 -12.03 8.16 -1.19
CA ASP A 186 -12.59 9.49 -1.40
C ASP A 186 -11.62 10.63 -1.13
N THR A 187 -10.83 10.48 -0.07
CA THR A 187 -9.85 11.47 0.34
C THR A 187 -8.60 11.43 -0.53
N ALA A 188 -8.40 10.34 -1.28
CA ALA A 188 -7.07 9.98 -1.78
C ALA A 188 -6.59 10.89 -2.90
N ALA A 189 -7.51 11.44 -3.70
CA ALA A 189 -7.13 12.16 -4.92
C ALA A 189 -6.35 13.43 -4.62
N ASP A 190 -6.50 13.97 -3.41
CA ASP A 190 -5.72 15.11 -2.97
C ASP A 190 -4.26 14.72 -2.73
N SER A 191 -4.01 13.47 -2.35
CA SER A 191 -2.68 13.10 -1.87
C SER A 191 -1.80 12.53 -2.97
N GLU A 192 -2.36 11.80 -3.93
CA GLU A 192 -1.50 11.22 -4.96
C GLU A 192 -1.07 12.23 -6.00
N LEU A 193 -1.58 13.45 -5.91
CA LEU A 193 -1.01 14.51 -6.73
C LEU A 193 0.26 15.04 -6.09
N ARG A 194 0.41 14.89 -4.77
CA ARG A 194 1.67 15.29 -4.14
C ARG A 194 2.80 14.35 -4.49
N ARG A 195 2.51 13.06 -4.63
CA ARG A 195 3.53 12.12 -5.05
C ARG A 195 3.81 12.27 -6.53
N TRP A 196 2.82 12.74 -7.29
CA TRP A 196 3.06 13.04 -8.69
C TRP A 196 3.98 14.25 -8.86
N ILE A 197 3.91 15.21 -7.95
CA ILE A 197 4.87 16.31 -7.96
C ILE A 197 6.24 15.82 -7.56
N LYS A 198 6.31 14.83 -6.67
CA LYS A 198 7.59 14.28 -6.22
C LYS A 198 8.33 13.60 -7.36
N TYR A 199 7.63 12.82 -8.17
CA TYR A 199 8.32 12.12 -9.25
C TYR A 199 8.49 12.99 -10.48
N THR A 200 7.70 14.03 -10.65
CA THR A 200 7.95 14.96 -11.75
C THR A 200 9.17 15.81 -11.46
N GLN A 201 9.33 16.28 -10.22
CA GLN A 201 10.48 17.11 -9.90
C GLN A 201 11.75 16.29 -9.76
N GLN A 202 11.64 15.00 -9.46
CA GLN A 202 12.80 14.12 -9.51
C GLN A 202 13.15 13.69 -10.92
N ARG A 203 12.31 14.04 -11.91
CA ARG A 203 12.43 13.62 -13.31
C ARG A 203 12.42 12.11 -13.43
N ARG A 204 11.61 11.47 -12.58
CA ARG A 204 11.32 10.05 -12.68
C ARG A 204 10.25 9.75 -13.71
N VAL A 205 9.29 10.64 -13.86
CA VAL A 205 8.15 10.43 -14.73
C VAL A 205 8.10 11.57 -15.75
N VAL A 206 7.37 11.36 -16.82
CA VAL A 206 7.18 12.39 -17.84
C VAL A 206 5.97 13.22 -17.45
N GLY A 207 6.11 14.53 -17.46
CA GLY A 207 5.12 15.39 -16.83
C GLY A 207 3.82 15.53 -17.61
N GLU A 208 3.86 15.45 -18.93
CA GLU A 208 2.65 15.69 -19.70
C GLU A 208 1.73 14.49 -19.78
N PHE A 209 2.20 13.32 -19.36
CA PHE A 209 1.35 12.14 -19.43
C PHE A 209 0.69 11.82 -18.09
N ARG A 210 -0.16 12.71 -17.61
CA ARG A 210 -0.95 12.49 -16.42
C ARG A 210 -2.33 11.99 -16.82
N LEU A 211 -2.72 10.84 -16.29
CA LEU A 211 -4.02 10.27 -16.64
C LEU A 211 -5.14 11.04 -15.95
N GLU A 212 -6.35 10.93 -16.52
CA GLU A 212 -7.54 11.54 -15.94
C GLU A 212 -7.81 10.98 -14.56
N ARG A 213 -8.52 11.75 -13.75
CA ARG A 213 -9.05 11.18 -12.52
C ARG A 213 -10.14 10.17 -12.81
N LYS A 214 -10.80 10.29 -13.97
CA LYS A 214 -11.81 9.32 -14.35
C LYS A 214 -11.18 7.99 -14.71
N TRP A 215 -9.96 8.01 -15.27
CA TRP A 215 -9.25 6.77 -15.51
C TRP A 215 -8.81 6.15 -14.19
N LEU A 216 -8.31 6.98 -13.29
CA LEU A 216 -7.78 6.48 -12.02
C LEU A 216 -8.89 6.04 -11.08
N ASP A 217 -10.09 6.61 -11.21
CA ASP A 217 -11.20 6.17 -10.39
C ASP A 217 -11.69 4.79 -10.81
N VAL A 218 -11.42 4.39 -12.05
CA VAL A 218 -11.72 3.04 -12.46
C VAL A 218 -10.73 2.07 -11.82
N VAL A 219 -9.45 2.45 -11.76
CA VAL A 219 -8.45 1.60 -11.13
C VAL A 219 -8.60 1.58 -9.62
N ARG A 220 -8.84 2.75 -9.01
CA ARG A 220 -8.89 2.83 -7.56
C ARG A 220 -10.11 2.13 -6.99
N ASN A 221 -11.24 2.20 -7.69
CA ASN A 221 -12.41 1.44 -7.27
C ASN A 221 -12.31 -0.01 -7.71
N ARG A 222 -11.28 -0.35 -8.48
CA ARG A 222 -11.01 -1.76 -8.75
C ARG A 222 -10.12 -2.36 -7.67
N ILE A 223 -9.03 -1.66 -7.33
CA ILE A 223 -8.10 -2.12 -6.30
C ILE A 223 -8.79 -2.22 -4.95
N ALA A 224 -9.71 -1.30 -4.68
CA ALA A 224 -10.48 -1.36 -3.43
C ALA A 224 -11.44 -2.53 -3.43
N GLU A 225 -11.91 -2.96 -4.60
CA GLU A 225 -13.00 -3.92 -4.63
C GLU A 225 -12.50 -5.35 -4.47
N ASP A 226 -11.63 -5.80 -5.37
CA ASP A 226 -11.23 -7.20 -5.40
C ASP A 226 -10.02 -7.42 -4.52
N LEU A 227 -9.87 -8.64 -4.03
CA LEU A 227 -8.72 -8.95 -3.19
C LEU A 227 -7.58 -9.51 -4.01
N SER A 228 -7.90 -10.19 -5.11
CA SER A 228 -6.91 -10.87 -5.91
C SER A 228 -5.98 -9.94 -6.66
N LEU A 229 -6.35 -8.68 -6.81
CA LEU A 229 -5.42 -7.72 -7.39
C LEU A 229 -4.51 -7.14 -6.33
N ARG A 230 -4.99 -6.99 -5.10
CA ARG A 230 -4.15 -6.47 -4.04
C ARG A 230 -3.16 -7.51 -3.54
N ARG A 231 -3.46 -8.79 -3.69
CA ARG A 231 -2.48 -9.81 -3.37
C ARG A 231 -1.36 -9.85 -4.38
N PHE A 232 -1.67 -9.61 -5.66
CA PHE A 232 -0.63 -9.57 -6.67
C PHE A 232 0.25 -8.34 -6.49
N MET A 233 -0.36 -7.19 -6.20
CA MET A 233 0.40 -5.95 -6.14
C MET A 233 1.29 -5.90 -4.92
N VAL A 234 0.86 -6.47 -3.80
CA VAL A 234 1.71 -6.53 -2.62
C VAL A 234 2.84 -7.51 -2.82
N ALA A 235 2.52 -8.72 -3.29
CA ALA A 235 3.51 -9.78 -3.37
C ALA A 235 4.54 -9.57 -4.45
N LEU A 236 4.32 -8.65 -5.41
CA LEU A 236 5.44 -8.37 -6.30
C LEU A 236 6.32 -7.28 -5.72
N ILE A 237 5.74 -6.36 -4.95
CA ILE A 237 6.54 -5.37 -4.22
C ILE A 237 7.50 -6.07 -3.28
N LEU A 238 7.03 -7.08 -2.57
CA LEU A 238 7.89 -7.95 -1.78
C LEU A 238 8.88 -8.74 -2.63
N ASP A 239 8.66 -8.85 -3.93
CA ASP A 239 9.65 -9.44 -4.81
C ASP A 239 10.57 -8.38 -5.39
N ILE A 240 10.09 -7.16 -5.59
CA ILE A 240 10.95 -6.05 -5.96
C ILE A 240 11.95 -5.77 -4.85
N LYS A 241 11.50 -5.82 -3.59
CA LYS A 241 12.35 -5.49 -2.44
C LYS A 241 13.50 -6.47 -2.28
N ARG A 242 13.30 -7.72 -2.70
CA ARG A 242 14.31 -8.75 -2.52
C ARG A 242 15.39 -8.73 -3.57
N THR A 243 15.26 -7.91 -4.61
CA THR A 243 16.25 -7.89 -5.70
C THR A 243 17.59 -7.39 -5.19
N PRO A 244 18.67 -8.17 -5.33
CA PRO A 244 19.91 -7.88 -4.60
C PRO A 244 20.65 -6.62 -5.01
N GLY A 245 20.92 -6.44 -6.29
CA GLY A 245 21.74 -5.35 -6.74
C GLY A 245 20.95 -4.08 -6.88
N ASN A 246 21.47 -3.16 -7.69
CA ASN A 246 20.67 -2.03 -8.10
C ASN A 246 19.56 -2.50 -9.04
N LYS A 247 18.34 -2.09 -8.75
CA LYS A 247 17.16 -2.59 -9.42
C LYS A 247 17.06 -1.95 -10.79
N PRO A 248 16.23 -2.47 -11.70
CA PRO A 248 15.85 -1.69 -12.87
C PRO A 248 15.04 -0.48 -12.45
N ARG A 249 15.07 0.56 -13.28
CA ARG A 249 14.61 1.87 -12.85
C ARG A 249 13.10 1.96 -12.67
N ILE A 250 12.32 0.97 -13.11
CA ILE A 250 10.93 0.90 -12.71
C ILE A 250 10.80 0.22 -11.36
N ALA A 251 11.60 -0.81 -11.11
CA ALA A 251 11.57 -1.47 -9.81
C ALA A 251 12.10 -0.57 -8.72
N GLU A 252 13.05 0.30 -9.03
CA GLU A 252 13.58 1.21 -8.02
C GLU A 252 12.63 2.38 -7.77
N MET A 253 11.58 2.51 -8.59
CA MET A 253 10.47 3.42 -8.40
C MET A 253 9.28 2.75 -7.71
N ILE A 254 8.99 1.49 -8.04
CA ILE A 254 7.97 0.73 -7.32
C ILE A 254 8.40 0.46 -5.89
N CYS A 255 9.70 0.27 -5.65
CA CYS A 255 10.23 0.19 -4.30
C CYS A 255 10.48 1.58 -3.70
N ASP A 256 10.04 2.63 -4.38
CA ASP A 256 10.01 3.98 -3.82
C ASP A 256 8.61 4.37 -3.39
N ILE A 257 7.60 3.92 -4.14
CA ILE A 257 6.21 4.17 -3.81
C ILE A 257 5.78 3.34 -2.60
N ASP A 258 6.44 2.19 -2.37
CA ASP A 258 6.00 1.24 -1.35
C ASP A 258 6.10 1.80 0.05
N THR A 259 7.00 2.77 0.27
CA THR A 259 7.12 3.45 1.54
C THR A 259 5.86 4.22 1.92
N TYR A 260 5.02 4.55 0.95
CA TYR A 260 3.70 5.09 1.20
C TYR A 260 2.66 4.01 1.41
N ILE A 261 3.01 2.76 1.16
CA ILE A 261 2.09 1.64 1.32
C ILE A 261 2.44 0.83 2.57
N VAL A 262 3.67 0.91 3.05
CA VAL A 262 4.09 0.22 4.27
C VAL A 262 3.34 0.80 5.47
N GLU A 263 2.59 -0.06 6.15
CA GLU A 263 1.59 0.28 7.18
C GLU A 263 0.58 1.30 6.68
N ALA A 264 -0.07 1.00 5.56
CA ALA A 264 -1.10 1.91 5.06
C ALA A 264 -2.44 1.47 5.64
N GLY A 265 -2.69 1.86 6.88
CA GLY A 265 -3.92 1.53 7.57
C GLY A 265 -3.73 1.02 8.97
N LEU A 266 -2.49 0.94 9.45
CA LEU A 266 -2.19 0.67 10.85
C LEU A 266 -1.89 1.94 11.61
N ALA A 267 -2.45 3.06 11.19
CA ALA A 267 -2.15 4.34 11.83
C ALA A 267 -2.95 4.57 13.10
N SER A 268 -3.56 3.54 13.66
CA SER A 268 -4.01 3.60 15.04
C SER A 268 -3.12 2.79 15.95
N PHE A 269 -2.14 2.10 15.40
CA PHE A 269 -1.16 1.29 16.10
C PHE A 269 0.25 1.80 15.94
N ILE A 270 0.63 2.18 14.72
CA ILE A 270 1.95 2.74 14.50
C ILE A 270 2.04 4.07 15.23
N LEU A 271 0.99 4.88 15.10
CA LEU A 271 0.91 6.18 15.75
C LEU A 271 0.89 6.12 17.28
N THR A 272 0.14 5.16 17.83
CA THR A 272 0.03 5.03 19.28
C THR A 272 1.40 4.75 19.88
N ILE A 273 2.15 3.88 19.23
CA ILE A 273 3.49 3.53 19.67
C ILE A 273 4.40 4.75 19.59
N LYS A 274 4.23 5.52 18.54
CA LYS A 274 5.06 6.70 18.30
C LYS A 274 4.83 7.80 19.33
N PHE A 275 3.59 7.96 19.79
CA PHE A 275 3.25 9.05 20.70
C PHE A 275 2.94 8.59 22.11
N GLY A 276 2.29 7.44 22.27
CA GLY A 276 2.05 6.92 23.59
C GLY A 276 3.31 6.38 24.22
N ILE A 277 3.93 5.39 23.57
CA ILE A 277 5.02 4.67 24.20
C ILE A 277 6.31 5.48 24.17
N GLU A 278 6.64 6.04 23.01
CA GLU A 278 7.98 6.56 22.80
C GLU A 278 8.22 7.90 23.45
N THR A 279 7.20 8.72 23.66
CA THR A 279 7.42 10.03 24.25
C THR A 279 7.73 9.91 25.73
N MET A 280 7.17 8.89 26.39
CA MET A 280 7.44 8.56 27.80
C MET A 280 7.16 9.74 28.73
N TYR A 281 5.99 10.33 28.53
CA TYR A 281 5.42 11.23 29.51
C TYR A 281 5.16 10.46 30.80
N PRO A 282 5.12 11.15 31.95
CA PRO A 282 4.85 10.45 33.21
C PRO A 282 3.45 9.87 33.33
N ALA A 283 2.55 10.09 32.37
CA ALA A 283 1.24 9.46 32.41
C ALA A 283 1.22 8.14 31.63
N LEU A 284 2.25 7.33 31.84
CA LEU A 284 2.23 5.93 31.47
C LEU A 284 2.36 5.03 32.67
N GLY A 285 2.76 5.57 33.81
CA GLY A 285 2.73 4.86 35.06
C GLY A 285 1.38 4.84 35.72
N LEU A 286 0.35 5.34 35.04
CA LEU A 286 -1.01 5.08 35.45
C LEU A 286 -1.29 3.60 35.39
N HIS A 287 -2.03 3.09 36.38
CA HIS A 287 -2.42 1.69 36.35
C HIS A 287 -3.47 1.44 35.28
N GLU A 288 -4.18 2.49 34.85
CA GLU A 288 -5.14 2.37 33.77
C GLU A 288 -4.49 2.00 32.44
N PHE A 289 -3.19 2.29 32.30
CA PHE A 289 -2.44 1.95 31.11
C PHE A 289 -1.53 0.76 31.31
N ALA A 290 -1.34 0.30 32.55
CA ALA A 290 -0.32 -0.70 32.86
C ALA A 290 -0.61 -2.06 32.26
N GLY A 291 -1.85 -2.29 31.83
CA GLY A 291 -2.15 -3.53 31.15
C GLY A 291 -2.16 -3.37 29.66
N GLU A 292 -2.51 -2.18 29.20
CA GLU A 292 -2.53 -1.92 27.77
C GLU A 292 -1.16 -1.59 27.23
N LEU A 293 -0.14 -1.54 28.07
CA LEU A 293 1.23 -1.61 27.58
C LEU A 293 1.59 -3.07 27.30
N SER A 294 1.14 -3.98 28.16
CA SER A 294 1.46 -5.39 27.98
C SER A 294 0.70 -6.00 26.82
N THR A 295 -0.48 -5.49 26.51
CA THR A 295 -1.12 -5.83 25.25
C THR A 295 -0.33 -5.30 24.08
N LEU A 296 0.23 -4.10 24.23
CA LEU A 296 0.90 -3.46 23.12
C LEU A 296 2.36 -3.89 23.01
N GLU A 297 2.93 -4.50 24.05
CA GLU A 297 4.27 -5.07 23.89
C GLU A 297 4.22 -6.42 23.22
N SER A 298 3.05 -7.06 23.22
CA SER A 298 2.92 -8.31 22.49
C SER A 298 2.70 -8.06 21.01
N LEU A 299 1.95 -7.02 20.66
CA LEU A 299 1.74 -6.68 19.26
C LEU A 299 3.01 -6.14 18.62
N MET A 300 3.93 -5.60 19.40
CA MET A 300 5.23 -5.25 18.84
C MET A 300 6.07 -6.49 18.61
N ASN A 301 5.96 -7.48 19.49
CA ASN A 301 6.66 -8.74 19.24
C ASN A 301 5.98 -9.53 18.14
N LEU A 302 4.66 -9.38 17.99
CA LEU A 302 3.93 -10.06 16.94
C LEU A 302 4.20 -9.47 15.58
N TYR A 303 4.60 -8.22 15.51
CA TYR A 303 4.74 -7.53 14.25
C TYR A 303 5.98 -7.99 13.47
N GLN A 304 6.96 -8.63 14.11
CA GLN A 304 7.98 -9.29 13.32
C GLN A 304 7.81 -10.81 13.30
N GLN A 305 6.98 -11.35 14.20
CA GLN A 305 6.56 -12.73 14.04
C GLN A 305 5.73 -12.91 12.76
N MET A 306 5.03 -11.88 12.32
CA MET A 306 4.33 -11.94 11.05
C MET A 306 5.26 -11.83 9.85
N GLY A 307 6.49 -11.38 10.06
CA GLY A 307 7.44 -11.37 8.97
C GLY A 307 7.34 -10.10 8.14
N GLU A 308 7.69 -10.22 6.86
CA GLU A 308 7.75 -9.06 5.98
C GLU A 308 6.41 -8.73 5.36
N THR A 309 5.43 -9.61 5.47
CA THR A 309 4.07 -9.30 5.05
C THR A 309 3.28 -8.63 6.16
N ALA A 310 3.94 -8.26 7.25
CA ALA A 310 3.26 -7.54 8.33
C ALA A 310 2.82 -6.14 7.96
N PRO A 311 3.62 -5.26 7.33
CA PRO A 311 3.11 -3.91 7.06
C PRO A 311 1.97 -3.83 6.07
N TYR A 312 1.69 -4.89 5.34
CA TYR A 312 0.66 -4.91 4.32
C TYR A 312 -0.59 -5.65 4.79
N MET A 313 -0.77 -5.82 6.09
CA MET A 313 -1.82 -6.70 6.58
C MET A 313 -3.20 -6.11 6.42
N VAL A 314 -3.31 -4.83 6.09
CA VAL A 314 -4.60 -4.20 5.87
C VAL A 314 -4.78 -3.80 4.42
N ILE A 315 -3.71 -3.76 3.64
CA ILE A 315 -3.86 -3.80 2.19
C ILE A 315 -4.39 -5.16 1.77
N LEU A 316 -3.78 -6.23 2.28
CA LEU A 316 -4.15 -7.59 1.94
C LEU A 316 -5.43 -8.04 2.63
N GLU A 317 -5.96 -7.25 3.57
CA GLU A 317 -7.07 -7.61 4.44
C GLU A 317 -6.82 -8.94 5.13
N ASN A 318 -5.72 -8.98 5.88
CA ASN A 318 -5.35 -10.17 6.62
C ASN A 318 -6.31 -10.37 7.78
N SER A 319 -6.31 -11.58 8.32
CA SER A 319 -7.25 -11.92 9.38
C SER A 319 -6.85 -11.32 10.72
N ILE A 320 -5.60 -10.89 10.87
CA ILE A 320 -5.12 -10.41 12.16
C ILE A 320 -4.77 -8.93 12.09
N GLN A 321 -5.44 -8.20 11.21
CA GLN A 321 -5.48 -6.76 11.41
C GLN A 321 -6.61 -6.35 12.33
N ASN A 322 -7.42 -7.31 12.79
CA ASN A 322 -8.34 -7.04 13.89
C ASN A 322 -7.61 -7.04 15.21
N LYS A 323 -6.41 -7.61 15.22
CA LYS A 323 -5.66 -7.79 16.44
C LYS A 323 -4.82 -6.57 16.76
N PHE A 324 -4.44 -5.83 15.74
CA PHE A 324 -3.76 -4.55 15.88
C PHE A 324 -4.73 -3.40 15.91
N SER A 325 -6.02 -3.69 15.95
CA SER A 325 -7.04 -2.67 16.09
C SER A 325 -6.92 -2.03 17.46
N ALA A 326 -7.39 -0.80 17.55
CA ALA A 326 -7.22 -0.05 18.79
C ALA A 326 -8.24 -0.42 19.84
N GLY A 327 -9.19 -1.31 19.53
CA GLY A 327 -10.20 -1.68 20.49
C GLY A 327 -9.70 -2.54 21.62
N SER A 328 -8.57 -3.21 21.45
CA SER A 328 -8.00 -4.00 22.53
C SER A 328 -7.18 -3.16 23.49
N TYR A 329 -6.85 -1.92 23.12
CA TYR A 329 -6.16 -0.98 24.00
C TYR A 329 -6.76 0.42 23.86
N PRO A 330 -8.06 0.57 24.17
CA PRO A 330 -8.75 1.80 23.76
C PRO A 330 -8.39 3.02 24.58
N LEU A 331 -7.81 2.83 25.76
CA LEU A 331 -7.45 3.97 26.59
C LEU A 331 -6.09 4.51 26.21
N LEU A 332 -5.12 3.61 26.02
CA LEU A 332 -3.77 4.00 25.63
C LEU A 332 -3.73 4.47 24.18
N TRP A 333 -4.71 4.09 23.38
CA TRP A 333 -4.85 4.66 22.05
C TRP A 333 -5.29 6.11 22.13
N SER A 334 -6.30 6.39 22.97
CA SER A 334 -6.85 7.73 23.06
C SER A 334 -5.85 8.70 23.65
N TYR A 335 -5.03 8.22 24.58
CA TYR A 335 -3.92 8.98 25.11
C TYR A 335 -2.95 9.38 24.02
N ALA A 336 -2.55 8.43 23.18
CA ALA A 336 -1.66 8.74 22.08
C ALA A 336 -2.35 9.48 20.95
N MET A 337 -3.68 9.52 20.95
CA MET A 337 -4.37 10.50 20.11
C MET A 337 -4.24 11.89 20.70
N GLY A 338 -4.30 11.99 22.02
CA GLY A 338 -4.17 13.29 22.67
C GLY A 338 -2.78 13.86 22.54
N VAL A 339 -1.77 13.02 22.58
CA VAL A 339 -0.40 13.50 22.45
C VAL A 339 -0.12 13.95 21.03
N GLY A 340 -0.59 13.20 20.05
CA GLY A 340 -0.21 13.46 18.68
C GLY A 340 -0.92 14.57 17.97
N VAL A 341 -1.95 15.15 18.57
CA VAL A 341 -2.61 16.28 17.91
C VAL A 341 -1.75 17.54 18.01
N GLU A 342 -1.15 17.80 19.18
CA GLU A 342 -0.29 18.97 19.29
C GLU A 342 1.07 18.75 18.64
N LEU A 343 1.59 17.53 18.67
CA LEU A 343 2.95 17.34 18.21
C LEU A 343 3.06 17.21 16.71
N GLU A 344 1.95 17.23 15.99
CA GLU A 344 1.98 17.17 14.54
C GLU A 344 0.98 18.18 13.98
N ASN A 345 1.43 18.97 13.01
CA ASN A 345 0.50 19.76 12.21
C ASN A 345 -0.15 18.92 11.12
N SER A 346 0.29 17.68 10.96
CA SER A 346 -0.26 16.73 10.02
C SER A 346 -1.37 15.88 10.62
N MET A 347 -1.18 15.43 11.85
CA MET A 347 -2.14 14.55 12.51
C MET A 347 -3.42 15.28 12.92
N GLY A 348 -3.45 16.61 12.81
CA GLY A 348 -4.72 17.31 12.89
C GLY A 348 -5.68 16.96 11.77
N GLY A 349 -5.18 16.53 10.62
CA GLY A 349 -6.03 16.04 9.57
C GLY A 349 -6.42 14.59 9.68
N LEU A 350 -5.92 13.88 10.69
CA LEU A 350 -6.25 12.48 10.87
C LEU A 350 -7.66 12.34 11.44
N ASN A 351 -8.49 11.58 10.76
CA ASN A 351 -9.78 11.20 11.31
C ASN A 351 -9.57 10.03 12.25
N PHE A 352 -10.02 10.15 13.48
CA PHE A 352 -10.00 9.04 14.42
C PHE A 352 -11.33 9.06 15.15
N GLY A 353 -12.31 8.39 14.58
CA GLY A 353 -13.60 8.35 15.22
C GLY A 353 -14.07 6.92 15.30
N ARG A 354 -14.20 6.42 16.52
CA ARG A 354 -14.53 5.03 16.75
C ARG A 354 -15.48 4.96 17.94
N SER A 355 -16.13 3.81 18.08
CA SER A 355 -17.10 3.60 19.15
C SER A 355 -16.44 3.39 20.51
N TYR A 356 -15.12 3.31 20.56
CA TYR A 356 -14.38 3.07 21.80
C TYR A 356 -13.46 4.22 22.15
N PHE A 357 -13.86 5.45 21.78
CA PHE A 357 -12.90 6.55 21.69
C PHE A 357 -12.39 7.00 23.04
N ASP A 358 -13.27 7.08 24.06
CA ASP A 358 -12.94 7.53 25.42
C ASP A 358 -12.28 8.90 25.44
N PRO A 359 -13.05 9.99 25.29
CA PRO A 359 -12.43 11.33 25.24
C PRO A 359 -11.87 11.81 26.57
N ALA A 360 -12.17 11.12 27.66
CA ALA A 360 -11.62 11.55 28.95
C ALA A 360 -10.11 11.43 28.90
N TYR A 361 -9.65 10.29 28.38
CA TYR A 361 -8.24 10.00 28.21
C TYR A 361 -7.55 10.90 27.19
N PHE A 362 -8.28 11.22 26.13
CA PHE A 362 -7.74 12.04 25.05
C PHE A 362 -7.33 13.41 25.55
N ARG A 363 -8.14 14.01 26.43
CA ARG A 363 -7.77 15.31 26.97
C ARG A 363 -6.77 15.21 28.10
N LEU A 364 -6.64 14.04 28.74
CA LEU A 364 -5.53 13.81 29.64
C LEU A 364 -4.24 13.68 28.87
N GLY A 365 -4.30 13.19 27.64
CA GLY A 365 -3.11 13.09 26.83
C GLY A 365 -2.79 14.37 26.10
N GLN A 366 -3.80 15.20 25.86
CA GLN A 366 -3.54 16.54 25.36
C GLN A 366 -2.85 17.40 26.40
N GLU A 367 -3.23 17.26 27.68
CA GLU A 367 -2.70 18.17 28.67
C GLU A 367 -1.27 17.80 29.03
N MET A 368 -0.86 16.54 28.87
CA MET A 368 0.52 16.17 29.18
C MET A 368 1.50 16.82 28.24
N VAL A 369 1.08 17.06 27.00
CA VAL A 369 1.90 17.82 26.07
C VAL A 369 1.98 19.28 26.49
N ARG A 370 0.87 19.82 26.99
CA ARG A 370 0.84 21.25 27.28
C ARG A 370 1.49 21.58 28.61
N ARG A 371 1.37 20.70 29.61
CA ARG A 371 1.97 20.99 30.90
C ARG A 371 3.48 20.86 30.83
N SER A 372 3.99 19.85 30.13
CA SER A 372 5.42 19.65 30.00
C SER A 372 5.93 20.25 28.68
N ALA A 373 5.73 21.56 28.55
CA ALA A 373 6.19 22.27 27.35
C ALA A 373 7.67 22.56 27.41
N GLY A 374 8.12 23.19 28.49
CA GLY A 374 9.52 23.51 28.64
C GLY A 374 10.11 22.78 29.82
N LYS A 375 9.80 21.49 29.92
CA LYS A 375 9.97 20.72 31.14
C LYS A 375 10.82 19.48 30.87
N VAL A 376 12.07 19.71 30.47
CA VAL A 376 13.12 18.73 30.19
C VAL A 376 13.13 17.60 31.21
N SER A 377 13.20 16.36 30.73
CA SER A 377 12.87 15.18 31.50
C SER A 377 13.87 14.83 32.59
N SER A 378 13.62 13.70 33.24
CA SER A 378 14.56 13.11 34.18
C SER A 378 15.13 11.80 33.67
N THR A 379 14.48 11.17 32.69
CA THR A 379 14.94 9.94 32.09
C THR A 379 15.84 10.18 30.89
N LEU A 380 16.07 11.43 30.50
CA LEU A 380 17.01 11.74 29.44
C LEU A 380 17.96 12.86 29.85
N ALA A 381 17.77 13.46 31.02
CA ALA A 381 18.69 14.46 31.53
C ALA A 381 19.95 13.85 32.13
N SER A 382 19.83 12.66 32.71
CA SER A 382 21.00 11.98 33.24
C SER A 382 21.86 11.42 32.11
N GLU A 383 21.27 11.28 30.95
CA GLU A 383 21.98 10.86 29.76
C GLU A 383 22.96 11.97 29.34
N LEU A 384 22.54 13.23 29.48
CA LEU A 384 23.32 14.38 29.06
C LEU A 384 24.05 15.03 30.22
N GLY A 385 23.38 15.20 31.35
CA GLY A 385 23.96 15.93 32.46
C GLY A 385 23.34 17.30 32.63
N ILE A 386 22.02 17.37 32.44
CA ILE A 386 21.32 18.64 32.50
C ILE A 386 21.20 19.09 33.94
N THR A 387 21.65 20.31 34.22
CA THR A 387 21.58 20.89 35.55
C THR A 387 20.27 21.65 35.72
N ALA A 388 20.00 22.09 36.95
CA ALA A 388 18.88 22.98 37.19
C ALA A 388 19.10 24.35 36.55
N GLU A 389 20.37 24.73 36.38
CA GLU A 389 20.69 25.92 35.59
C GLU A 389 20.25 25.77 34.15
N ASP A 390 20.38 24.57 33.60
CA ASP A 390 20.13 24.36 32.18
C ASP A 390 18.66 24.10 31.90
N ALA A 391 17.96 23.46 32.84
CA ALA A 391 16.56 23.14 32.63
C ALA A 391 15.68 24.38 32.75
N ARG A 392 16.14 25.39 33.48
CA ARG A 392 15.37 26.64 33.56
C ARG A 392 15.48 27.42 32.26
N LEU A 393 16.56 27.21 31.51
CA LEU A 393 16.75 27.98 30.28
C LEU A 393 15.82 27.47 29.18
N VAL A 394 15.41 26.19 29.26
CA VAL A 394 14.48 25.65 28.28
C VAL A 394 13.06 26.11 28.59
N SER A 395 12.74 26.23 29.88
CA SER A 395 11.39 26.64 30.29
C SER A 395 11.11 28.08 29.89
#